data_6CWM
#
_entry.id   6CWM
#
_cell.length_a   34.348
_cell.length_b   65.668
_cell.length_c   73.168
_cell.angle_alpha   90.000
_cell.angle_beta   90.000
_cell.angle_gamma   90.000
#
_symmetry.space_group_name_H-M   'P 21 21 21'
#
loop_
_entity.id
_entity.type
_entity.pdbx_description
1 polymer 'Surface (S-) layer glycoprotein'
2 non-polymer 'CHLORIDE ION'
3 water water
#
_entity_poly.entity_id   1
_entity_poly.type   'polypeptide(L)'
_entity_poly.pdbx_seq_one_letter_code
;VAFGADAAKTTQEKFDALKEAGVFSGYPGTTDAKLGQDMTRAEFAKVLVKLFGLKEIHGQYSYKDKNYDAKNWAAPFIEA
VTAEGLMQAKDLTKKIFDFNGKITVEEASKTLVTALKLEPVKDAQNKATDWAKGYFEAAVNAGLFSKDANPKANATRAQL
VEAAFAADEMSKGSGSHHHHHH
;
_entity_poly.pdbx_strand_id   A
#
# COMPACT_ATOMS: atom_id res chain seq x y z
N ALA A 8 17.45 -4.48 -15.96
CA ALA A 8 16.57 -4.10 -14.75
C ALA A 8 17.27 -3.95 -13.39
N LYS A 9 16.66 -3.09 -12.60
CA LYS A 9 17.17 -2.74 -11.35
C LYS A 9 16.93 -3.88 -10.35
N THR A 10 17.81 -3.99 -9.40
CA THR A 10 17.59 -4.90 -8.29
C THR A 10 16.54 -4.30 -7.30
N THR A 11 16.04 -5.13 -6.41
CA THR A 11 15.14 -4.60 -5.42
C THR A 11 15.79 -3.49 -4.60
N GLN A 12 17.04 -3.68 -4.22
CA GLN A 12 17.76 -2.64 -3.46
C GLN A 12 17.83 -1.36 -4.25
N GLU A 13 18.15 -1.43 -5.56
CA GLU A 13 18.23 -0.22 -6.38
C GLU A 13 16.85 0.43 -6.47
N LYS A 14 15.78 -0.35 -6.62
CA LYS A 14 14.41 0.22 -6.66
C LYS A 14 14.14 0.90 -5.33
N PHE A 15 14.48 0.30 -4.19
CA PHE A 15 14.32 0.92 -2.90
C PHE A 15 15.06 2.26 -2.84
N ASP A 16 16.34 2.23 -3.22
CA ASP A 16 17.13 3.49 -3.20
C ASP A 16 16.52 4.57 -4.08
N ALA A 17 16.01 4.22 -5.26
CA ALA A 17 15.37 5.19 -6.13
C ALA A 17 14.10 5.75 -5.43
N LEU A 18 13.28 4.88 -4.89
CA LEU A 18 12.02 5.34 -4.27
C LEU A 18 12.34 6.14 -3.01
N LYS A 19 13.38 5.83 -2.28
CA LYS A 19 13.80 6.60 -1.10
C LYS A 19 14.28 7.98 -1.52
N GLU A 20 15.09 8.05 -2.55
CA GLU A 20 15.55 9.35 -3.02
C GLU A 20 14.38 10.18 -3.47
N ALA A 21 13.34 9.60 -4.05
CA ALA A 21 12.16 10.29 -4.49
C ALA A 21 11.23 10.66 -3.34
N GLY A 22 11.54 10.25 -2.12
CA GLY A 22 10.68 10.53 -0.97
C GLY A 22 9.52 9.62 -0.75
N VAL A 23 9.43 8.55 -1.53
CA VAL A 23 8.32 7.64 -1.49
C VAL A 23 8.44 6.61 -0.38
N PHE A 24 9.59 5.97 -0.26
CA PHE A 24 9.88 4.98 0.79
C PHE A 24 10.81 5.57 1.81
N SER A 25 10.66 5.08 3.06
CA SER A 25 11.57 5.34 4.13
C SER A 25 12.23 4.04 4.60
N GLY A 26 13.24 4.19 5.41
CA GLY A 26 13.80 3.03 6.10
C GLY A 26 12.81 2.35 7.04
N TYR A 27 13.10 1.11 7.36
CA TYR A 27 12.39 0.43 8.43
C TYR A 27 12.45 1.28 9.70
N PRO A 28 11.34 1.37 10.48
CA PRO A 28 11.34 2.27 11.66
C PRO A 28 12.57 2.18 12.53
N GLY A 29 13.08 3.36 12.84
CA GLY A 29 14.32 3.53 13.59
C GLY A 29 15.58 3.36 12.79
N THR A 30 15.41 3.31 11.44
CA THR A 30 16.58 3.11 10.55
C THR A 30 16.40 3.89 9.28
N THR A 31 17.47 3.95 8.47
CA THR A 31 17.34 4.47 7.11
C THR A 31 17.49 3.33 6.07
N ASP A 32 17.44 2.10 6.55
CA ASP A 32 17.83 0.92 5.76
C ASP A 32 16.68 0.30 5.05
N ALA A 33 16.99 -0.38 3.98
CA ALA A 33 16.05 -1.08 3.15
C ALA A 33 15.27 -2.18 3.92
N LYS A 34 16.00 -2.97 4.73
CA LYS A 34 15.44 -4.09 5.50
C LYS A 34 14.38 -4.83 4.68
N LEU A 35 14.83 -5.40 3.58
CA LEU A 35 13.91 -5.94 2.58
C LEU A 35 13.17 -7.15 3.03
N GLY A 36 13.64 -7.85 4.08
CA GLY A 36 12.91 -8.96 4.62
C GLY A 36 11.90 -8.67 5.69
N GLN A 37 11.84 -7.43 6.15
CA GLN A 37 10.94 -7.05 7.19
C GLN A 37 9.56 -6.69 6.64
N ASP A 38 8.63 -6.43 7.52
N ASP A 38 8.58 -6.55 7.52
CA ASP A 38 7.29 -6.11 7.16
CA ASP A 38 7.24 -6.18 7.19
C ASP A 38 7.04 -4.61 7.36
C ASP A 38 7.05 -4.64 7.31
N MET A 39 5.81 -4.17 7.09
CA MET A 39 5.50 -2.73 7.08
C MET A 39 4.11 -2.53 7.66
N THR A 40 3.92 -1.51 8.49
CA THR A 40 2.60 -1.21 9.01
C THR A 40 1.70 -0.56 8.01
N ARG A 41 0.41 -0.65 8.27
CA ARG A 41 -0.60 0.01 7.44
C ARG A 41 -0.42 1.53 7.47
N ALA A 42 0.00 2.11 8.58
CA ALA A 42 0.33 3.53 8.66
C ALA A 42 1.43 3.92 7.69
N GLU A 43 2.52 3.16 7.73
CA GLU A 43 3.64 3.42 6.82
C GLU A 43 3.25 3.27 5.39
N PHE A 44 2.41 2.25 5.08
CA PHE A 44 2.01 2.05 3.72
C PHE A 44 1.10 3.15 3.23
N ALA A 45 0.24 3.69 4.09
CA ALA A 45 -0.57 4.84 3.70
C ALA A 45 0.32 5.99 3.30
N LYS A 46 1.39 6.24 4.02
CA LYS A 46 2.33 7.30 3.61
C LYS A 46 2.99 6.99 2.26
N VAL A 47 3.43 5.74 2.05
CA VAL A 47 3.92 5.36 0.73
C VAL A 47 2.94 5.75 -0.33
N LEU A 48 1.66 5.37 -0.20
CA LEU A 48 0.71 5.65 -1.20
C LEU A 48 0.55 7.11 -1.46
N VAL A 49 0.49 7.92 -0.39
CA VAL A 49 0.36 9.38 -0.57
C VAL A 49 1.51 9.91 -1.43
N LYS A 50 2.73 9.49 -1.10
CA LYS A 50 3.88 9.96 -1.82
C LYS A 50 3.92 9.43 -3.26
N LEU A 51 3.59 8.19 -3.42
CA LEU A 51 3.60 7.51 -4.68
C LEU A 51 2.68 8.15 -5.69
N PHE A 52 1.49 8.51 -5.21
CA PHE A 52 0.40 8.98 -6.06
C PHE A 52 0.16 10.50 -5.88
N GLY A 53 1.02 11.18 -5.19
CA GLY A 53 0.87 12.63 -5.05
C GLY A 53 -0.40 13.09 -4.40
N LEU A 54 -0.84 12.42 -3.38
CA LEU A 54 -2.07 12.79 -2.68
C LEU A 54 -1.79 13.90 -1.67
N LYS A 55 -2.88 14.64 -1.35
CA LYS A 55 -2.77 15.72 -0.39
C LYS A 55 -3.06 15.19 1.07
N GLU A 56 -2.10 15.47 1.94
CA GLU A 56 -2.34 15.17 3.39
C GLU A 56 -3.61 15.89 3.88
N ILE A 57 -4.38 15.27 4.79
CA ILE A 57 -5.52 15.93 5.36
C ILE A 57 -5.31 16.05 6.87
N HIS A 58 -5.14 17.30 7.36
CA HIS A 58 -4.90 17.60 8.73
C HIS A 58 -6.17 17.91 9.47
N GLY A 59 -6.28 17.50 10.73
CA GLY A 59 -7.43 17.91 11.55
C GLY A 59 -8.70 17.20 11.30
N GLN A 60 -8.62 16.00 10.69
CA GLN A 60 -9.79 15.17 10.48
C GLN A 60 -9.40 13.75 10.89
N TYR A 61 -10.36 13.06 11.47
CA TYR A 61 -10.08 11.70 11.98
C TYR A 61 -11.27 10.82 11.69
N SER A 62 -11.09 9.84 10.77
CA SER A 62 -12.19 9.03 10.30
C SER A 62 -12.29 7.67 10.98
N TYR A 63 -11.43 7.41 11.95
CA TYR A 63 -11.30 6.10 12.62
C TYR A 63 -11.28 6.29 14.10
N LYS A 64 -11.57 5.20 14.82
CA LYS A 64 -11.77 5.15 16.24
C LYS A 64 -10.65 4.45 16.97
N ASP A 65 -9.59 4.04 16.27
CA ASP A 65 -8.50 3.40 16.92
C ASP A 65 -7.99 4.21 18.13
N LYS A 66 -7.55 3.48 19.15
CA LYS A 66 -6.87 4.17 20.20
C LYS A 66 -5.64 4.90 19.66
N ASN A 67 -5.45 6.12 20.11
CA ASN A 67 -4.34 6.93 19.71
C ASN A 67 -4.38 7.32 18.24
N TYR A 68 -5.56 7.41 17.67
CA TYR A 68 -5.76 7.99 16.32
C TYR A 68 -6.29 9.41 16.49
N ASP A 69 -5.36 10.33 16.55
CA ASP A 69 -5.66 11.67 16.95
C ASP A 69 -4.56 12.58 16.46
N ALA A 70 -4.59 13.83 16.90
CA ALA A 70 -3.65 14.75 16.44
C ALA A 70 -2.16 14.46 16.70
N LYS A 71 -1.90 13.66 17.70
CA LYS A 71 -0.55 13.33 18.01
C LYS A 71 -0.03 12.16 17.22
N ASN A 72 -0.84 11.57 16.33
CA ASN A 72 -0.45 10.42 15.51
C ASN A 72 0.06 10.94 14.18
N TRP A 73 1.34 10.74 13.90
CA TRP A 73 1.96 11.22 12.70
C TRP A 73 1.30 10.73 11.45
N ALA A 74 0.69 9.55 11.51
CA ALA A 74 0.18 8.94 10.31
C ALA A 74 -1.22 9.41 9.92
N ALA A 75 -1.94 10.08 10.82
CA ALA A 75 -3.33 10.42 10.50
C ALA A 75 -3.47 11.22 9.19
N PRO A 76 -2.61 12.21 8.93
CA PRO A 76 -2.83 13.00 7.68
C PRO A 76 -2.73 12.12 6.45
N PHE A 77 -1.87 11.08 6.51
CA PHE A 77 -1.73 10.15 5.37
C PHE A 77 -2.84 9.17 5.27
N ILE A 78 -3.26 8.62 6.44
CA ILE A 78 -4.37 7.70 6.48
C ILE A 78 -5.63 8.37 6.00
N GLU A 79 -5.84 9.64 6.39
CA GLU A 79 -7.03 10.36 5.91
C GLU A 79 -6.96 10.56 4.40
N ALA A 80 -5.80 10.86 3.83
CA ALA A 80 -5.69 11.08 2.40
C ALA A 80 -6.03 9.80 1.64
N VAL A 81 -5.47 8.65 2.07
CA VAL A 81 -5.77 7.42 1.32
C VAL A 81 -7.21 6.99 1.51
N THR A 82 -7.82 7.36 2.63
CA THR A 82 -9.22 7.10 2.88
C THR A 82 -10.09 7.94 1.95
N ALA A 83 -9.81 9.23 1.85
CA ALA A 83 -10.57 10.08 0.98
C ALA A 83 -10.45 9.64 -0.47
N GLU A 84 -9.30 9.13 -0.87
CA GLU A 84 -9.07 8.67 -2.24
C GLU A 84 -9.67 7.31 -2.47
N GLY A 85 -10.17 6.63 -1.50
CA GLY A 85 -10.75 5.35 -1.66
C GLY A 85 -9.77 4.22 -1.77
N LEU A 86 -8.53 4.42 -1.33
CA LEU A 86 -7.49 3.36 -1.50
C LEU A 86 -7.43 2.40 -0.35
N MET A 87 -7.63 2.88 0.88
CA MET A 87 -7.63 2.07 2.07
C MET A 87 -8.89 2.35 2.85
N GLN A 88 -9.28 1.40 3.68
N GLN A 88 -9.32 1.41 3.67
CA GLN A 88 -10.53 1.40 4.45
CA GLN A 88 -10.50 1.55 4.52
C GLN A 88 -10.22 0.81 5.83
C GLN A 88 -10.23 0.83 5.84
N ALA A 89 -11.20 0.93 6.70
CA ALA A 89 -11.06 0.28 7.99
C ALA A 89 -10.74 -1.24 7.79
N LYS A 90 -9.98 -1.76 8.72
CA LYS A 90 -9.84 -3.23 8.81
C LYS A 90 -11.12 -3.79 9.39
N ASP A 91 -11.69 -3.13 10.42
CA ASP A 91 -12.97 -3.49 11.08
C ASP A 91 -13.99 -2.38 10.83
N LEU A 92 -14.83 -2.56 9.83
CA LEU A 92 -15.80 -1.55 9.37
C LEU A 92 -16.77 -1.21 10.48
N THR A 93 -17.17 -2.16 11.32
CA THR A 93 -18.15 -1.86 12.32
C THR A 93 -17.63 -0.98 13.44
N LYS A 94 -16.39 -1.24 13.87
CA LYS A 94 -15.78 -0.44 14.90
C LYS A 94 -15.01 0.76 14.36
N LYS A 95 -14.97 0.88 13.02
CA LYS A 95 -14.20 1.93 12.35
C LYS A 95 -12.77 1.91 12.88
N ILE A 96 -12.18 0.70 12.87
CA ILE A 96 -10.80 0.54 13.27
C ILE A 96 -9.91 0.35 12.03
N PHE A 97 -9.01 1.30 11.81
CA PHE A 97 -8.08 1.19 10.70
C PHE A 97 -6.98 0.14 10.88
N ASP A 98 -6.62 -0.08 12.10
CA ASP A 98 -5.51 -0.98 12.54
C ASP A 98 -4.22 -0.41 11.99
N PHE A 99 -3.85 0.80 12.40
CA PHE A 99 -2.71 1.49 11.82
C PHE A 99 -1.39 0.84 12.10
N ASN A 100 -1.24 0.18 13.24
CA ASN A 100 0.00 -0.56 13.53
C ASN A 100 -0.01 -1.99 13.07
N GLY A 101 -1.11 -2.49 12.55
CA GLY A 101 -1.14 -3.79 11.93
C GLY A 101 -0.30 -3.80 10.67
N LYS A 102 0.18 -4.95 10.28
CA LYS A 102 1.02 -5.06 9.08
C LYS A 102 0.23 -5.13 7.82
N ILE A 103 0.63 -4.47 6.77
CA ILE A 103 -0.05 -4.52 5.48
C ILE A 103 0.15 -5.91 4.86
N THR A 104 -0.94 -6.52 4.39
CA THR A 104 -0.84 -7.82 3.73
C THR A 104 -0.70 -7.65 2.24
N VAL A 105 -0.24 -8.73 1.58
CA VAL A 105 -0.13 -8.71 0.13
C VAL A 105 -1.49 -8.36 -0.51
N GLU A 106 -2.55 -9.01 -0.08
CA GLU A 106 -3.86 -8.75 -0.69
C GLU A 106 -4.39 -7.37 -0.39
N GLU A 107 -4.13 -6.83 0.82
CA GLU A 107 -4.50 -5.44 1.08
C GLU A 107 -3.76 -4.50 0.15
N ALA A 108 -2.44 -4.68 0.02
CA ALA A 108 -1.64 -3.84 -0.84
C ALA A 108 -2.14 -3.96 -2.29
N SER A 109 -2.52 -5.17 -2.68
CA SER A 109 -3.06 -5.37 -4.01
C SER A 109 -4.30 -4.54 -4.23
N LYS A 110 -5.24 -4.57 -3.32
CA LYS A 110 -6.44 -3.75 -3.47
C LYS A 110 -6.08 -2.30 -3.61
N THR A 111 -5.19 -1.78 -2.79
CA THR A 111 -4.83 -0.34 -2.87
C THR A 111 -4.33 0.01 -4.22
N LEU A 112 -3.41 -0.80 -4.76
CA LEU A 112 -2.74 -0.48 -5.99
C LEU A 112 -3.60 -0.66 -7.21
N VAL A 113 -4.39 -1.75 -7.24
CA VAL A 113 -5.36 -1.95 -8.28
C VAL A 113 -6.34 -0.78 -8.35
N THR A 114 -6.79 -0.36 -7.18
CA THR A 114 -7.72 0.76 -7.13
C THR A 114 -7.06 2.03 -7.62
N ALA A 115 -5.85 2.33 -7.15
CA ALA A 115 -5.17 3.58 -7.56
C ALA A 115 -4.87 3.61 -9.03
N LEU A 116 -4.51 2.45 -9.60
CA LEU A 116 -4.14 2.35 -11.00
C LEU A 116 -5.35 2.17 -11.93
N LYS A 117 -6.56 2.12 -11.38
CA LYS A 117 -7.81 1.94 -12.16
C LYS A 117 -7.80 0.65 -12.92
N LEU A 118 -7.25 -0.40 -12.35
CA LEU A 118 -7.32 -1.72 -12.94
C LEU A 118 -8.59 -2.42 -12.53
N GLU A 119 -9.16 -3.24 -13.41
CA GLU A 119 -10.39 -3.96 -13.10
C GLU A 119 -10.11 -5.21 -12.25
N PRO A 120 -10.76 -5.33 -11.09
CA PRO A 120 -10.67 -6.62 -10.37
C PRO A 120 -11.15 -7.75 -11.22
N VAL A 121 -10.54 -8.93 -11.12
CA VAL A 121 -10.84 -10.08 -12.03
C VAL A 121 -12.08 -10.79 -11.56
N LYS A 122 -13.10 -10.84 -12.40
CA LYS A 122 -14.30 -11.64 -12.14
C LYS A 122 -13.93 -13.13 -12.18
N ASP A 123 -14.49 -13.88 -11.25
CA ASP A 123 -14.27 -15.32 -11.21
C ASP A 123 -12.79 -15.65 -10.92
N ALA A 124 -12.11 -14.75 -10.19
CA ALA A 124 -10.76 -15.02 -9.74
C ALA A 124 -10.70 -16.31 -8.91
N GLN A 125 -9.68 -17.08 -9.07
CA GLN A 125 -9.49 -18.30 -8.37
C GLN A 125 -8.05 -18.30 -7.87
N ASN A 126 -7.89 -18.16 -6.53
CA ASN A 126 -6.57 -18.00 -5.92
C ASN A 126 -6.68 -18.14 -4.42
N LYS A 127 -5.56 -17.95 -3.74
CA LYS A 127 -5.46 -18.17 -2.28
C LYS A 127 -6.02 -17.06 -1.50
N ALA A 128 -6.45 -15.92 -2.09
CA ALA A 128 -6.78 -14.77 -1.31
C ALA A 128 -8.05 -14.95 -0.51
N THR A 129 -8.18 -14.15 0.55
CA THR A 129 -9.46 -14.07 1.27
C THR A 129 -10.54 -13.65 0.29
N ASP A 130 -11.77 -14.15 0.52
CA ASP A 130 -12.84 -13.91 -0.44
C ASP A 130 -12.94 -12.51 -0.95
N TRP A 131 -12.93 -11.52 -0.07
CA TRP A 131 -13.11 -10.12 -0.50
C TRP A 131 -12.02 -9.66 -1.43
N ALA A 132 -10.85 -10.28 -1.36
CA ALA A 132 -9.65 -9.82 -2.07
C ALA A 132 -9.32 -10.61 -3.34
N LYS A 133 -10.06 -11.66 -3.64
CA LYS A 133 -9.62 -12.52 -4.77
C LYS A 133 -9.45 -11.74 -6.07
N GLY A 134 -10.43 -10.93 -6.39
CA GLY A 134 -10.37 -10.16 -7.63
C GLY A 134 -9.27 -9.16 -7.68
N TYR A 135 -9.00 -8.48 -6.57
CA TYR A 135 -7.90 -7.55 -6.47
C TYR A 135 -6.57 -8.21 -6.57
N PHE A 136 -6.37 -9.30 -5.83
CA PHE A 136 -5.11 -9.99 -5.89
C PHE A 136 -4.83 -10.49 -7.31
N GLU A 137 -5.86 -11.05 -7.91
N GLU A 137 -5.81 -11.13 -7.92
CA GLU A 137 -5.72 -11.56 -9.25
CA GLU A 137 -5.57 -11.66 -9.26
C GLU A 137 -5.30 -10.47 -10.23
C GLU A 137 -5.29 -10.49 -10.27
N ALA A 138 -5.94 -9.35 -10.15
CA ALA A 138 -5.62 -8.23 -11.02
C ALA A 138 -4.19 -7.75 -10.77
N ALA A 139 -3.76 -7.73 -9.51
CA ALA A 139 -2.40 -7.29 -9.17
C ALA A 139 -1.38 -8.25 -9.71
N VAL A 140 -1.58 -9.57 -9.63
CA VAL A 140 -0.67 -10.52 -10.20
C VAL A 140 -0.66 -10.42 -11.70
N ASN A 141 -1.81 -10.30 -12.33
CA ASN A 141 -1.87 -10.19 -13.78
C ASN A 141 -1.13 -8.96 -14.26
N ALA A 142 -1.14 -7.86 -13.52
CA ALA A 142 -0.47 -6.65 -13.87
C ALA A 142 1.01 -6.66 -13.49
N GLY A 143 1.51 -7.66 -12.87
CA GLY A 143 2.92 -7.70 -12.50
C GLY A 143 3.26 -7.03 -11.21
N LEU A 144 2.32 -6.68 -10.40
CA LEU A 144 2.61 -5.99 -9.13
C LEU A 144 3.13 -6.91 -8.07
N PHE A 145 2.64 -8.16 -8.02
CA PHE A 145 3.12 -9.19 -7.12
C PHE A 145 3.32 -10.44 -7.91
N SER A 146 4.27 -11.27 -7.53
CA SER A 146 4.47 -12.54 -8.24
C SER A 146 3.36 -13.51 -7.94
N LYS A 147 3.22 -14.49 -8.85
CA LYS A 147 2.16 -15.47 -8.73
C LYS A 147 2.29 -16.33 -7.53
N ASP A 148 3.46 -16.49 -6.92
CA ASP A 148 3.64 -17.30 -5.74
C ASP A 148 3.54 -16.55 -4.47
N ALA A 149 3.31 -15.24 -4.49
CA ALA A 149 3.10 -14.51 -3.26
C ALA A 149 1.90 -15.08 -2.52
N ASN A 150 1.96 -15.11 -1.21
CA ASN A 150 0.78 -15.53 -0.39
C ASN A 150 -0.05 -14.30 -0.15
N PRO A 151 -1.24 -14.17 -0.74
CA PRO A 151 -2.02 -12.98 -0.54
C PRO A 151 -2.33 -12.68 0.91
N LYS A 152 -2.48 -13.71 1.74
CA LYS A 152 -2.85 -13.52 3.13
C LYS A 152 -1.67 -13.10 3.99
N ALA A 153 -0.44 -13.27 3.52
CA ALA A 153 0.72 -12.97 4.34
C ALA A 153 0.95 -11.47 4.44
N ASN A 154 1.62 -11.08 5.51
CA ASN A 154 2.18 -9.71 5.57
C ASN A 154 3.15 -9.55 4.40
N ALA A 155 3.04 -8.46 3.68
CA ALA A 155 3.96 -8.22 2.56
C ALA A 155 5.36 -7.88 3.09
N THR A 156 6.39 -8.41 2.49
CA THR A 156 7.72 -7.96 2.83
C THR A 156 8.00 -6.59 2.19
N ARG A 157 8.98 -5.88 2.75
CA ARG A 157 9.42 -4.64 2.16
C ARG A 157 9.94 -4.86 0.74
N ALA A 158 10.58 -5.97 0.46
CA ALA A 158 10.93 -6.27 -0.94
C ALA A 158 9.72 -6.30 -1.83
N GLN A 159 8.69 -7.03 -1.42
CA GLN A 159 7.47 -7.13 -2.22
C GLN A 159 6.85 -5.77 -2.40
N LEU A 160 6.83 -4.94 -1.35
CA LEU A 160 6.23 -3.63 -1.44
C LEU A 160 7.00 -2.68 -2.32
N VAL A 161 8.34 -2.74 -2.28
CA VAL A 161 9.18 -1.98 -3.19
C VAL A 161 8.92 -2.38 -4.62
N GLU A 162 8.91 -3.68 -4.89
CA GLU A 162 8.70 -4.14 -6.24
C GLU A 162 7.31 -3.72 -6.74
N ALA A 163 6.30 -3.78 -5.94
CA ALA A 163 4.94 -3.39 -6.34
C ALA A 163 4.87 -1.90 -6.53
N ALA A 164 5.41 -1.12 -5.63
CA ALA A 164 5.37 0.34 -5.75
C ALA A 164 6.11 0.80 -6.97
N PHE A 165 7.29 0.22 -7.24
CA PHE A 165 8.06 0.60 -8.38
C PHE A 165 7.30 0.32 -9.67
N ALA A 166 6.68 -0.83 -9.75
CA ALA A 166 5.86 -1.17 -10.92
C ALA A 166 4.67 -0.26 -11.07
N ALA A 167 4.02 0.09 -9.96
CA ALA A 167 2.88 1.01 -10.03
C ALA A 167 3.33 2.37 -10.45
N ASP A 168 4.50 2.85 -10.02
CA ASP A 168 5.02 4.08 -10.45
C ASP A 168 5.25 4.09 -11.95
N GLU A 169 5.91 3.04 -12.43
CA GLU A 169 6.15 2.98 -13.87
C GLU A 169 4.83 3.03 -14.65
N MET A 170 3.84 2.27 -14.24
CA MET A 170 2.52 2.29 -14.90
C MET A 170 1.93 3.62 -14.89
N SER A 171 1.91 4.29 -13.72
CA SER A 171 1.29 5.57 -13.56
C SER A 171 2.01 6.60 -14.39
N LYS A 172 3.33 6.57 -14.50
CA LYS A 172 4.09 7.47 -15.33
C LYS A 172 3.80 7.34 -16.81
N GLY A 173 3.18 6.21 -17.23
CA GLY A 173 2.68 6.20 -18.65
C GLY A 173 1.48 7.04 -19.02
N SER A 174 0.79 7.66 -18.08
CA SER A 174 -0.11 8.81 -18.38
C SER A 174 0.71 10.15 -18.41
N GLY A 175 0.43 10.93 -19.48
CA GLY A 175 0.90 12.32 -19.55
C GLY A 175 0.43 13.23 -18.40
N SER A 176 -0.57 12.80 -17.61
CA SER A 176 -1.09 13.53 -16.39
C SER A 176 -0.30 13.20 -15.03
N HIS A 177 0.60 12.18 -15.01
CA HIS A 177 1.33 11.77 -13.83
C HIS A 177 1.99 13.00 -13.17
N HIS A 178 1.89 13.06 -11.85
CA HIS A 178 2.44 14.16 -11.05
C HIS A 178 3.97 14.20 -11.16
#